data_1X8R
#
_entry.id   1X8R
#
_cell.length_a   57.730
_cell.length_b   85.170
_cell.length_c   87.490
_cell.angle_alpha   90.00
_cell.angle_beta   90.00
_cell.angle_gamma   90.00
#
_symmetry.space_group_name_H-M   'P 21 21 21'
#
loop_
_entity.id
_entity.type
_entity.pdbx_description
1 polymer '3-phosphoshikimate 1-carboxyvinyltransferase'
2 non-polymer '[3R-[3A,4A,5B(S*)]]-5-(1-CARBOXY-1-PHOSPHONOETHOXY)-4-HYDROXY-3-(PHOSPHONOOXY)-1-CYCLOHEXENE-1-CARBOXYLIC ACID'
3 non-polymer 'FORMIC ACID'
4 water water
#
_entity_poly.entity_id   1
_entity_poly.type   'polypeptide(L)'
_entity_poly.pdbx_seq_one_letter_code
;MESLTLQPIARVDGTINLPGSKSVSNRALLLAALAHGKTVLTNLLDSDDVRHMLNALTALGVSYTLSADRTRCEIIGNGG
PLHAEGALELFLGNAGTAMRPLAAALCLGSNDIVLTGEPRMKERPIGHLVDALRLGGAKITYLEQENYPPLRLQGGFTGG
NVDVDGSVSSQFLTALLMTAPLAPEDTVIRIKGDLVSKPYIDITLNLMKTFGVEIENQHYQQFVVKGGQSYQSPGTYLVE
GDASSASYFLAAAAIKGGTVKVTGIGRNSMQGDIRFADVLEKMGATICWGDDYISCTRGELNAIDMDMNHIPDAAMTIAT
AALFAKGTTTLRNIYNWRVKETDRLFAMATELRKVGAEVEEGHDYIRITPPEKLNFAEIATYNDHRMAMCFSLVALSDTP
VTILDPKCTAKTFPDYFEQLARISQAA
;
_entity_poly.pdbx_strand_id   A
#
loop_
_chem_comp.id
_chem_comp.type
_chem_comp.name
_chem_comp.formula
FMT non-polymer 'FORMIC ACID' 'C H2 O2'
SC1 non-polymer '[3R-[3A,4A,5B(S*)]]-5-(1-CARBOXY-1-PHOSPHONOETHOXY)-4-HYDROXY-3-(PHOSPHONOOXY)-1-CYCLOHEXENE-1-CARBOXYLIC ACID' 'C10 H16 O13 P2'
#
# COMPACT_ATOMS: atom_id res chain seq x y z
N MET A 1 -0.89 20.35 -17.70
CA MET A 1 -0.94 18.86 -17.53
C MET A 1 0.26 18.17 -18.16
N GLU A 2 1.16 17.70 -17.32
CA GLU A 2 2.35 16.99 -17.76
C GLU A 2 1.97 15.61 -18.29
N SER A 3 2.82 15.07 -19.15
CA SER A 3 2.57 13.74 -19.69
C SER A 3 3.86 13.09 -20.15
N LEU A 4 3.79 11.77 -20.31
CA LEU A 4 4.92 11.00 -20.77
C LEU A 4 4.39 10.04 -21.81
N THR A 5 5.08 9.95 -22.94
CA THR A 5 4.66 9.02 -23.98
C THR A 5 5.66 7.87 -24.00
N LEU A 6 5.15 6.66 -23.87
CA LEU A 6 6.00 5.48 -23.92
C LEU A 6 5.97 4.88 -25.31
N GLN A 7 7.14 4.71 -25.92
CA GLN A 7 7.15 4.08 -27.23
C GLN A 7 7.06 2.56 -27.03
N PRO A 8 6.63 1.82 -28.07
CA PRO A 8 6.52 0.36 -28.00
C PRO A 8 7.81 -0.27 -27.50
N ILE A 9 7.65 -1.24 -26.61
CA ILE A 9 8.74 -1.98 -26.02
C ILE A 9 8.73 -3.36 -26.64
N ALA A 10 9.76 -3.68 -27.39
CA ALA A 10 9.82 -4.96 -28.08
C ALA A 10 10.00 -6.18 -27.19
N ARG A 11 10.71 -5.99 -26.08
CA ARG A 11 10.99 -7.08 -25.17
C ARG A 11 11.45 -6.53 -23.82
N VAL A 12 11.20 -7.25 -22.75
CA VAL A 12 11.73 -6.81 -21.46
C VAL A 12 12.61 -7.94 -20.93
N ASP A 13 13.71 -7.56 -20.29
CA ASP A 13 14.61 -8.54 -19.73
C ASP A 13 15.57 -7.82 -18.83
N GLY A 14 15.89 -8.42 -17.70
CA GLY A 14 16.83 -7.78 -16.82
C GLY A 14 16.53 -7.97 -15.35
N THR A 15 17.21 -7.16 -14.54
CA THR A 15 17.08 -7.22 -13.10
C THR A 15 16.79 -5.86 -12.51
N ILE A 16 15.84 -5.82 -11.60
CA ILE A 16 15.47 -4.59 -10.92
C ILE A 16 15.67 -4.78 -9.43
N ASN A 17 16.40 -3.87 -8.79
CA ASN A 17 16.58 -3.91 -7.35
C ASN A 17 15.43 -3.02 -6.85
N LEU A 18 14.44 -3.64 -6.23
CA LEU A 18 13.24 -2.94 -5.79
C LEU A 18 13.38 -1.84 -4.78
N PRO A 19 12.52 -0.82 -4.89
CA PRO A 19 12.57 0.27 -3.94
C PRO A 19 11.97 -0.37 -2.68
N GLY A 20 12.20 0.20 -1.50
CA GLY A 20 11.64 -0.40 -0.30
C GLY A 20 10.12 -0.40 -0.26
N SER A 21 9.58 -1.36 0.47
CA SER A 21 8.15 -1.49 0.66
C SER A 21 7.57 -0.27 1.39
N LYS A 22 6.57 0.35 0.79
CA LYS A 22 5.90 1.48 1.43
C LYS A 22 5.15 1.01 2.69
N SER A 23 4.49 -0.14 2.60
CA SER A 23 3.73 -0.68 3.74
C SER A 23 4.62 -0.93 4.93
N VAL A 24 5.75 -1.55 4.66
CA VAL A 24 6.69 -1.81 5.73
C VAL A 24 7.36 -0.53 6.21
N SER A 25 7.76 0.35 5.28
CA SER A 25 8.45 1.57 5.66
C SER A 25 7.68 2.45 6.63
N ASN A 26 6.40 2.71 6.34
CA ASN A 26 5.65 3.59 7.21
C ASN A 26 5.32 2.94 8.55
N ARG A 27 5.13 1.63 8.56
CA ARG A 27 4.89 0.95 9.83
C ARG A 27 6.16 1.02 10.68
N ALA A 28 7.32 0.73 10.07
CA ALA A 28 8.57 0.73 10.79
C ALA A 28 8.93 2.11 11.32
N LEU A 29 8.62 3.16 10.56
CA LEU A 29 8.94 4.50 11.03
C LEU A 29 8.10 4.87 12.25
N LEU A 30 6.80 4.56 12.21
CA LEU A 30 5.94 4.88 13.35
C LEU A 30 6.33 4.07 14.59
N LEU A 31 6.58 2.78 14.42
CA LEU A 31 7.00 1.95 15.55
C LEU A 31 8.36 2.39 16.09
N ALA A 32 9.28 2.76 15.20
CA ALA A 32 10.60 3.24 15.62
C ALA A 32 10.46 4.53 16.42
N ALA A 33 9.51 5.37 16.01
CA ALA A 33 9.30 6.64 16.70
C ALA A 33 8.73 6.41 18.10
N LEU A 34 7.85 5.43 18.22
CA LEU A 34 7.23 5.13 19.51
C LEU A 34 8.15 4.32 20.42
N ALA A 35 9.10 3.61 19.83
CA ALA A 35 10.00 2.73 20.58
C ALA A 35 11.07 3.38 21.42
N HIS A 36 11.65 2.57 22.30
CA HIS A 36 12.76 3.03 23.10
C HIS A 36 14.00 2.59 22.36
N GLY A 37 14.97 3.50 22.25
CA GLY A 37 16.22 3.18 21.60
C GLY A 37 16.30 3.72 20.19
N LYS A 38 17.47 3.54 19.57
CA LYS A 38 17.70 4.03 18.22
C LYS A 38 17.53 2.89 17.24
N THR A 39 16.68 3.12 16.24
CA THR A 39 16.47 2.12 15.22
C THR A 39 17.16 2.60 13.94
N VAL A 40 17.87 1.70 13.27
CA VAL A 40 18.50 2.05 12.01
C VAL A 40 17.75 1.26 10.94
N LEU A 41 17.01 1.96 10.10
CA LEU A 41 16.28 1.30 9.03
C LEU A 41 17.06 1.39 7.74
N THR A 42 17.20 0.28 7.01
CA THR A 42 17.88 0.36 5.72
C THR A 42 16.90 -0.13 4.66
N ASN A 43 17.16 0.29 3.43
CA ASN A 43 16.31 0.00 2.28
C ASN A 43 14.94 0.66 2.46
N LEU A 44 14.89 1.73 3.25
CA LEU A 44 13.66 2.50 3.45
C LEU A 44 13.27 3.11 2.10
N LEU A 45 11.98 3.19 1.84
CA LEU A 45 11.51 3.78 0.61
C LEU A 45 11.52 5.32 0.70
N ASP A 46 12.01 5.95 -0.35
CA ASP A 46 11.93 7.39 -0.46
C ASP A 46 10.80 7.61 -1.48
N SER A 47 9.65 8.07 -1.00
CA SER A 47 8.50 8.36 -1.86
C SER A 47 7.65 9.37 -1.11
N ASP A 48 6.61 9.90 -1.75
CA ASP A 48 5.78 10.89 -1.11
C ASP A 48 5.20 10.38 0.20
N ASP A 49 4.67 9.16 0.21
CA ASP A 49 4.02 8.64 1.41
C ASP A 49 4.97 8.56 2.58
N VAL A 50 6.21 8.18 2.33
CA VAL A 50 7.17 8.08 3.42
C VAL A 50 7.60 9.48 3.84
N ARG A 51 7.77 10.38 2.87
CA ARG A 51 8.19 11.73 3.22
C ARG A 51 7.12 12.39 4.10
N HIS A 52 5.84 12.13 3.84
CA HIS A 52 4.80 12.72 4.68
C HIS A 52 4.87 12.17 6.10
N MET A 53 5.17 10.87 6.23
CA MET A 53 5.31 10.29 7.56
C MET A 53 6.52 10.93 8.28
N LEU A 54 7.65 11.04 7.57
CA LEU A 54 8.85 11.61 8.17
C LEU A 54 8.58 13.04 8.60
N ASN A 55 7.87 13.80 7.76
CA ASN A 55 7.54 15.19 8.10
C ASN A 55 6.66 15.26 9.34
N ALA A 56 5.71 14.33 9.47
CA ALA A 56 4.84 14.29 10.64
C ALA A 56 5.65 13.97 11.89
N LEU A 57 6.58 13.01 11.78
CA LEU A 57 7.41 12.69 12.93
C LEU A 57 8.25 13.92 13.32
N THR A 58 8.79 14.62 12.34
CA THR A 58 9.57 15.83 12.63
C THR A 58 8.68 16.83 13.39
N ALA A 59 7.46 17.04 12.89
CA ALA A 59 6.54 17.99 13.53
C ALA A 59 6.18 17.59 14.96
N LEU A 60 6.17 16.28 15.20
CA LEU A 60 5.85 15.77 16.52
C LEU A 60 7.05 15.79 17.47
N GLY A 61 8.20 16.20 16.97
CA GLY A 61 9.37 16.28 17.82
C GLY A 61 10.35 15.11 17.77
N VAL A 62 10.12 14.16 16.87
CA VAL A 62 11.01 13.01 16.77
C VAL A 62 12.28 13.38 16.01
N SER A 63 13.43 12.93 16.52
CA SER A 63 14.71 13.20 15.88
C SER A 63 15.17 12.02 15.03
N TYR A 64 15.69 12.31 13.84
CA TYR A 64 16.19 11.27 12.96
C TYR A 64 17.11 11.88 11.91
N THR A 65 17.90 11.03 11.28
CA THR A 65 18.78 11.47 10.22
C THR A 65 18.55 10.54 9.04
N LEU A 66 18.82 11.03 7.86
CA LEU A 66 18.64 10.27 6.63
C LEU A 66 19.91 10.33 5.83
N SER A 67 20.19 9.23 5.13
CA SER A 67 21.36 9.13 4.28
C SER A 67 21.07 9.95 3.02
N ALA A 68 22.11 10.14 2.21
CA ALA A 68 21.96 10.93 0.98
C ALA A 68 20.82 10.48 0.07
N ASP A 69 20.63 9.17 -0.05
CA ASP A 69 19.56 8.68 -0.92
C ASP A 69 18.23 8.46 -0.21
N ARG A 70 18.20 8.83 1.07
CA ARG A 70 17.03 8.73 1.93
C ARG A 70 16.51 7.30 2.16
N THR A 71 17.38 6.31 1.95
CA THR A 71 16.98 4.91 2.17
C THR A 71 17.53 4.36 3.47
N ARG A 72 18.37 5.13 4.15
CA ARG A 72 18.88 4.70 5.46
C ARG A 72 18.45 5.77 6.43
N CYS A 73 17.79 5.36 7.50
CA CYS A 73 17.26 6.29 8.49
C CYS A 73 17.61 5.86 9.90
N GLU A 74 18.18 6.77 10.69
CA GLU A 74 18.53 6.47 12.07
C GLU A 74 17.51 7.26 12.90
N ILE A 75 16.59 6.55 13.55
CA ILE A 75 15.54 7.19 14.33
C ILE A 75 15.78 7.10 15.81
N ILE A 76 15.64 8.23 16.50
CA ILE A 76 15.80 8.26 17.95
C ILE A 76 14.39 8.06 18.50
N GLY A 77 14.14 6.89 19.06
CA GLY A 77 12.81 6.61 19.56
C GLY A 77 12.40 7.54 20.69
N ASN A 78 11.11 7.84 20.74
CA ASN A 78 10.56 8.71 21.76
C ASN A 78 10.37 7.99 23.09
N GLY A 79 10.37 6.66 23.05
CA GLY A 79 10.16 5.91 24.29
C GLY A 79 8.75 6.09 24.84
N GLY A 80 7.78 6.03 23.94
CA GLY A 80 6.40 6.17 24.34
C GLY A 80 5.60 7.00 23.36
N PRO A 81 4.29 7.14 23.60
CA PRO A 81 3.35 7.89 22.76
C PRO A 81 3.87 9.26 22.37
N LEU A 82 3.57 9.63 21.14
CA LEU A 82 3.96 10.92 20.58
C LEU A 82 2.96 12.01 21.00
N HIS A 83 3.45 13.22 21.19
CA HIS A 83 2.55 14.28 21.62
C HIS A 83 2.75 15.64 21.00
N ALA A 84 1.64 16.37 20.90
CA ALA A 84 1.63 17.74 20.42
C ALA A 84 0.28 18.37 20.82
N GLU A 85 0.26 19.68 20.94
CA GLU A 85 -0.97 20.39 21.33
C GLU A 85 -1.17 21.56 20.38
N GLY A 86 -2.16 22.39 20.71
CA GLY A 86 -2.46 23.56 19.89
C GLY A 86 -3.06 23.23 18.54
N ALA A 87 -3.73 22.09 18.45
CA ALA A 87 -4.36 21.65 17.21
C ALA A 87 -3.34 21.68 16.07
N LEU A 88 -2.13 21.23 16.38
CA LEU A 88 -1.02 21.14 15.40
C LEU A 88 -1.54 20.39 14.18
N GLU A 89 -1.36 20.96 13.00
CA GLU A 89 -1.87 20.26 11.81
C GLU A 89 -0.78 19.45 11.13
N LEU A 90 -1.06 18.17 10.92
CA LEU A 90 -0.13 17.29 10.22
C LEU A 90 -0.76 17.04 8.86
N PHE A 91 -0.03 17.40 7.82
CA PHE A 91 -0.50 17.22 6.45
C PHE A 91 0.06 15.89 5.96
N LEU A 92 -0.83 14.96 5.62
CA LEU A 92 -0.38 13.63 5.27
C LEU A 92 -0.50 13.22 3.80
N GLY A 93 -0.59 14.20 2.92
CA GLY A 93 -0.69 13.93 1.50
C GLY A 93 -1.83 12.99 1.16
N ASN A 94 -1.48 11.87 0.52
CA ASN A 94 -2.45 10.86 0.14
C ASN A 94 -2.07 9.54 0.80
N ALA A 95 -1.31 9.62 1.89
CA ALA A 95 -0.83 8.41 2.56
C ALA A 95 -1.76 7.74 3.54
N GLY A 96 -2.40 6.65 3.10
CA GLY A 96 -3.30 5.95 4.00
C GLY A 96 -2.52 5.35 5.16
N THR A 97 -1.29 4.91 4.88
CA THR A 97 -0.47 4.29 5.91
C THR A 97 0.09 5.30 6.89
N ALA A 98 -0.19 6.59 6.67
CA ALA A 98 0.20 7.59 7.66
C ALA A 98 -1.09 8.01 8.36
N MET A 99 -2.11 8.34 7.58
CA MET A 99 -3.39 8.79 8.12
C MET A 99 -4.08 7.81 9.06
N ARG A 100 -4.24 6.56 8.63
CA ARG A 100 -4.94 5.63 9.51
C ARG A 100 -4.11 5.30 10.77
N PRO A 101 -2.83 4.93 10.61
CA PRO A 101 -2.08 4.61 11.85
C PRO A 101 -1.92 5.77 12.81
N LEU A 102 -1.58 6.97 12.31
CA LEU A 102 -1.46 8.12 13.21
C LEU A 102 -2.81 8.52 13.82
N ALA A 103 -3.92 8.31 13.11
CA ALA A 103 -5.23 8.65 13.68
C ALA A 103 -5.43 7.87 14.97
N ALA A 104 -5.00 6.62 14.98
CA ALA A 104 -5.13 5.83 16.20
C ALA A 104 -4.02 6.13 17.20
N ALA A 105 -2.78 6.13 16.74
CA ALA A 105 -1.68 6.30 17.69
C ALA A 105 -1.72 7.59 18.46
N LEU A 106 -2.13 8.67 17.79
CA LEU A 106 -2.15 9.94 18.48
C LEU A 106 -3.33 10.10 19.42
N CYS A 107 -4.14 9.04 19.56
CA CYS A 107 -5.24 9.04 20.53
C CYS A 107 -4.74 8.63 21.92
N LEU A 108 -3.47 8.23 22.05
CA LEU A 108 -2.91 7.82 23.36
C LEU A 108 -2.57 9.02 24.23
N GLY A 109 -3.07 9.01 25.47
CA GLY A 109 -2.81 10.11 26.37
C GLY A 109 -3.63 11.33 25.98
N SER A 110 -3.06 12.51 26.19
CA SER A 110 -3.71 13.76 25.84
C SER A 110 -2.99 14.28 24.63
N ASN A 111 -3.73 14.99 23.79
CA ASN A 111 -3.18 15.60 22.60
C ASN A 111 -4.24 16.53 22.05
N ASP A 112 -3.82 17.34 21.08
CA ASP A 112 -4.73 18.22 20.36
C ASP A 112 -4.02 18.38 19.03
N ILE A 113 -4.35 17.48 18.12
CA ILE A 113 -3.71 17.40 16.81
C ILE A 113 -4.73 17.22 15.73
N VAL A 114 -4.48 17.86 14.60
CA VAL A 114 -5.35 17.74 13.45
C VAL A 114 -4.62 17.00 12.35
N LEU A 115 -5.29 16.00 11.78
CA LEU A 115 -4.74 15.26 10.66
C LEU A 115 -5.53 15.62 9.41
N THR A 116 -4.82 16.00 8.36
CA THR A 116 -5.50 16.31 7.12
C THR A 116 -4.62 15.83 5.96
N GLY A 117 -5.01 16.14 4.74
CA GLY A 117 -4.20 15.70 3.61
C GLY A 117 -4.72 16.32 2.34
N GLU A 118 -4.33 15.74 1.20
CA GLU A 118 -4.79 16.23 -0.09
C GLU A 118 -6.31 16.07 -0.19
N PRO A 119 -6.95 16.78 -1.12
CA PRO A 119 -8.39 16.71 -1.30
C PRO A 119 -8.94 15.28 -1.33
N ARG A 120 -8.28 14.39 -2.08
CA ARG A 120 -8.77 13.02 -2.15
C ARG A 120 -8.72 12.31 -0.79
N MET A 121 -7.77 12.67 0.06
CA MET A 121 -7.69 12.03 1.37
C MET A 121 -8.94 12.36 2.20
N LYS A 122 -9.55 13.52 1.92
CA LYS A 122 -10.76 13.90 2.62
C LYS A 122 -11.97 13.14 2.09
N GLU A 123 -11.75 12.28 1.10
CA GLU A 123 -12.81 11.45 0.52
C GLU A 123 -12.54 9.97 0.71
N ARG A 124 -11.50 9.64 1.47
CA ARG A 124 -11.20 8.23 1.78
C ARG A 124 -11.74 8.00 3.18
N PRO A 125 -12.60 6.99 3.33
CA PRO A 125 -13.21 6.72 4.63
C PRO A 125 -12.33 6.39 5.82
N ILE A 126 -12.77 6.85 6.99
CA ILE A 126 -12.04 6.55 8.22
C ILE A 126 -13.01 6.36 9.38
N GLY A 127 -14.30 6.40 9.09
CA GLY A 127 -15.32 6.26 10.11
C GLY A 127 -15.25 4.98 10.93
N HIS A 128 -14.94 3.86 10.29
CA HIS A 128 -14.88 2.61 11.05
C HIS A 128 -13.78 2.66 12.10
N LEU A 129 -12.67 3.32 11.78
CA LEU A 129 -11.58 3.45 12.74
C LEU A 129 -11.96 4.39 13.88
N VAL A 130 -12.56 5.54 13.53
CA VAL A 130 -12.97 6.50 14.53
C VAL A 130 -13.97 5.85 15.47
N ASP A 131 -14.92 5.11 14.90
CA ASP A 131 -15.93 4.43 15.74
C ASP A 131 -15.25 3.54 16.78
N ALA A 132 -14.25 2.77 16.35
CA ALA A 132 -13.53 1.87 17.24
C ALA A 132 -12.70 2.63 18.29
N LEU A 133 -11.99 3.68 17.87
CA LEU A 133 -11.20 4.44 18.81
C LEU A 133 -12.07 5.08 19.89
N ARG A 134 -13.25 5.58 19.50
CA ARG A 134 -14.15 6.18 20.48
C ARG A 134 -14.64 5.14 21.48
N LEU A 135 -14.90 3.92 21.03
CA LEU A 135 -15.34 2.90 22.00
C LEU A 135 -14.25 2.68 23.05
N GLY A 136 -13.00 2.92 22.66
CA GLY A 136 -11.88 2.75 23.57
C GLY A 136 -11.59 3.99 24.40
N GLY A 137 -12.41 5.02 24.22
CA GLY A 137 -12.27 6.25 24.98
C GLY A 137 -11.73 7.50 24.29
N ALA A 138 -11.33 7.38 23.04
CA ALA A 138 -10.77 8.54 22.36
C ALA A 138 -11.78 9.63 22.04
N LYS A 139 -11.31 10.87 22.07
CA LYS A 139 -12.12 12.01 21.69
C LYS A 139 -11.64 12.41 20.30
N ILE A 140 -12.52 12.28 19.32
CA ILE A 140 -12.23 12.60 17.93
C ILE A 140 -13.36 13.40 17.31
N THR A 141 -12.99 14.43 16.58
CA THR A 141 -13.96 15.29 15.93
C THR A 141 -13.69 15.38 14.43
N TYR A 142 -14.77 15.23 13.65
CA TYR A 142 -14.70 15.36 12.21
C TYR A 142 -14.81 16.85 11.92
N LEU A 143 -13.80 17.41 11.28
CA LEU A 143 -13.85 18.85 10.99
C LEU A 143 -14.59 19.21 9.73
N GLU A 144 -14.78 18.24 8.84
CA GLU A 144 -15.52 18.48 7.61
C GLU A 144 -16.60 17.41 7.49
N GLN A 145 -16.49 16.52 6.52
CA GLN A 145 -17.50 15.48 6.36
C GLN A 145 -17.40 14.39 7.38
N GLU A 146 -18.55 14.02 7.94
CA GLU A 146 -18.61 12.94 8.91
C GLU A 146 -18.06 11.69 8.24
N ASN A 147 -17.28 10.93 9.00
CA ASN A 147 -16.65 9.67 8.57
C ASN A 147 -15.41 9.78 7.71
N TYR A 148 -14.90 11.01 7.56
CA TYR A 148 -13.71 11.25 6.75
C TYR A 148 -12.77 12.27 7.38
N PRO A 149 -11.50 12.29 6.93
CA PRO A 149 -10.54 13.26 7.46
C PRO A 149 -11.05 14.57 6.86
N PRO A 150 -10.64 15.71 7.41
CA PRO A 150 -9.71 15.89 8.54
C PRO A 150 -10.31 15.60 9.91
N LEU A 151 -9.44 15.18 10.82
CA LEU A 151 -9.83 14.83 12.17
C LEU A 151 -9.10 15.67 13.20
N ARG A 152 -9.80 16.03 14.28
CA ARG A 152 -9.12 16.71 15.37
C ARG A 152 -9.08 15.64 16.48
N LEU A 153 -7.87 15.28 16.90
CA LEU A 153 -7.68 14.24 17.90
C LEU A 153 -7.34 14.86 19.25
N GLN A 154 -8.14 14.55 20.27
CA GLN A 154 -7.88 15.11 21.58
C GLN A 154 -7.55 14.08 22.67
N GLY A 155 -7.13 12.90 22.21
CA GLY A 155 -6.69 11.84 23.12
C GLY A 155 -7.75 11.08 23.85
N GLY A 156 -7.31 10.29 24.84
CA GLY A 156 -8.24 9.54 25.64
C GLY A 156 -8.41 8.05 25.40
N PHE A 157 -7.72 7.47 24.41
CA PHE A 157 -7.87 6.03 24.18
C PHE A 157 -7.18 5.28 25.29
N THR A 158 -7.95 4.57 26.11
CA THR A 158 -7.37 3.83 27.23
C THR A 158 -7.44 2.32 27.04
N GLY A 159 -8.26 1.85 26.10
CA GLY A 159 -8.39 0.42 25.87
C GLY A 159 -9.78 -0.10 26.16
N GLY A 160 -9.90 -1.39 26.49
CA GLY A 160 -11.20 -1.95 26.76
C GLY A 160 -11.75 -2.79 25.62
N ASN A 161 -13.07 -2.97 25.60
CA ASN A 161 -13.71 -3.76 24.55
C ASN A 161 -13.98 -2.85 23.37
N VAL A 162 -13.33 -3.15 22.25
CA VAL A 162 -13.45 -2.36 21.03
C VAL A 162 -13.89 -3.21 19.84
N ASP A 163 -14.95 -2.78 19.16
CA ASP A 163 -15.40 -3.48 17.97
C ASP A 163 -14.89 -2.64 16.81
N VAL A 164 -14.57 -3.31 15.72
CA VAL A 164 -14.14 -2.61 14.52
C VAL A 164 -14.63 -3.34 13.29
N ASP A 165 -15.13 -2.55 12.34
CA ASP A 165 -15.62 -3.06 11.07
C ASP A 165 -14.39 -3.30 10.19
N GLY A 166 -14.22 -4.52 9.68
CA GLY A 166 -13.06 -4.79 8.85
C GLY A 166 -13.41 -5.00 7.38
N SER A 167 -14.64 -4.63 7.02
CA SER A 167 -15.12 -4.85 5.66
C SER A 167 -14.70 -3.88 4.57
N VAL A 168 -14.22 -2.70 4.96
CA VAL A 168 -13.82 -1.68 3.99
C VAL A 168 -12.31 -1.51 3.86
N SER A 169 -11.59 -1.50 4.97
CA SER A 169 -10.14 -1.38 4.92
C SER A 169 -9.50 -2.16 6.05
N SER A 170 -8.38 -2.82 5.75
CA SER A 170 -7.66 -3.52 6.80
C SER A 170 -6.88 -2.50 7.61
N GLN A 171 -6.70 -1.30 7.08
CA GLN A 171 -5.91 -0.31 7.79
C GLN A 171 -6.48 0.14 9.12
N PHE A 172 -7.79 0.01 9.30
CA PHE A 172 -8.40 0.43 10.56
C PHE A 172 -7.96 -0.55 11.66
N LEU A 173 -8.03 -1.84 11.38
CA LEU A 173 -7.54 -2.83 12.33
C LEU A 173 -6.02 -2.67 12.54
N THR A 174 -5.27 -2.46 11.45
CA THR A 174 -3.83 -2.26 11.58
C THR A 174 -3.52 -1.13 12.56
N ALA A 175 -4.23 0.00 12.40
CA ALA A 175 -4.01 1.15 13.27
C ALA A 175 -4.28 0.82 14.73
N LEU A 176 -5.37 0.09 14.96
CA LEU A 176 -5.74 -0.30 16.33
C LEU A 176 -4.73 -1.27 16.93
N LEU A 177 -4.26 -2.24 16.13
CA LEU A 177 -3.28 -3.19 16.63
C LEU A 177 -2.00 -2.51 17.05
N MET A 178 -1.52 -1.53 16.27
CA MET A 178 -0.27 -0.88 16.63
C MET A 178 -0.39 0.02 17.85
N THR A 179 -1.59 0.56 18.06
CA THR A 179 -1.84 1.49 19.15
C THR A 179 -2.15 0.86 20.50
N ALA A 180 -3.00 -0.15 20.48
CA ALA A 180 -3.44 -0.79 21.70
C ALA A 180 -2.40 -1.23 22.73
N PRO A 181 -1.28 -1.82 22.29
CA PRO A 181 -0.27 -2.24 23.27
C PRO A 181 0.18 -1.14 24.21
N LEU A 182 0.17 0.11 23.75
CA LEU A 182 0.62 1.24 24.55
C LEU A 182 -0.45 1.88 25.42
N ALA A 183 -1.70 1.42 25.27
CA ALA A 183 -2.82 1.92 26.07
C ALA A 183 -2.65 1.37 27.48
N PRO A 184 -3.11 2.10 28.50
CA PRO A 184 -2.97 1.63 29.88
C PRO A 184 -3.78 0.37 30.24
N GLU A 185 -4.94 0.20 29.61
CA GLU A 185 -5.76 -0.97 29.90
C GLU A 185 -5.66 -1.98 28.76
N ASP A 186 -5.97 -3.24 29.06
CA ASP A 186 -5.97 -4.31 28.05
C ASP A 186 -7.09 -4.00 27.07
N THR A 187 -6.94 -4.48 25.84
CA THR A 187 -7.94 -4.24 24.83
C THR A 187 -8.31 -5.54 24.13
N VAL A 188 -9.59 -5.70 23.85
CA VAL A 188 -10.04 -6.86 23.10
C VAL A 188 -10.66 -6.23 21.85
N ILE A 189 -10.06 -6.49 20.70
CA ILE A 189 -10.55 -5.95 19.43
C ILE A 189 -11.40 -7.02 18.75
N ARG A 190 -12.68 -6.74 18.58
CA ARG A 190 -13.56 -7.71 17.95
C ARG A 190 -13.92 -7.27 16.54
N ILE A 191 -13.67 -8.14 15.56
CA ILE A 191 -14.00 -7.81 14.17
C ILE A 191 -15.49 -8.07 13.99
N LYS A 192 -16.23 -7.06 13.51
CA LYS A 192 -17.68 -7.18 13.35
C LYS A 192 -18.13 -8.28 12.40
N GLY A 193 -17.56 -8.29 11.20
CA GLY A 193 -17.94 -9.29 10.23
C GLY A 193 -16.75 -9.74 9.39
N ASP A 194 -16.77 -9.39 8.11
CA ASP A 194 -15.69 -9.79 7.21
C ASP A 194 -14.45 -8.94 7.39
N LEU A 195 -13.32 -9.45 6.94
CA LEU A 195 -12.08 -8.70 7.01
C LEU A 195 -11.44 -8.73 5.63
N VAL A 196 -11.31 -7.58 5.00
CA VAL A 196 -10.71 -7.52 3.68
C VAL A 196 -9.22 -7.24 3.80
N SER A 197 -8.51 -7.49 2.71
CA SER A 197 -7.05 -7.26 2.64
C SER A 197 -6.32 -7.87 3.83
N LYS A 198 -6.71 -9.08 4.20
CA LYS A 198 -6.15 -9.76 5.35
C LYS A 198 -4.62 -9.84 5.43
N PRO A 199 -3.94 -10.03 4.29
CA PRO A 199 -2.48 -10.12 4.38
C PRO A 199 -1.79 -8.90 4.99
N TYR A 200 -2.42 -7.74 4.87
CA TYR A 200 -1.80 -6.55 5.44
C TYR A 200 -1.80 -6.58 6.96
N ILE A 201 -2.71 -7.35 7.54
CA ILE A 201 -2.75 -7.47 9.00
C ILE A 201 -1.53 -8.27 9.42
N ASP A 202 -1.18 -9.26 8.61
CA ASP A 202 0.00 -10.07 8.91
C ASP A 202 1.27 -9.22 8.83
N ILE A 203 1.30 -8.25 7.92
CA ILE A 203 2.46 -7.37 7.83
C ILE A 203 2.54 -6.59 9.16
N THR A 204 1.42 -6.03 9.59
CA THR A 204 1.39 -5.28 10.83
C THR A 204 1.86 -6.11 12.03
N LEU A 205 1.35 -7.33 12.16
CA LEU A 205 1.77 -8.15 13.30
C LEU A 205 3.24 -8.53 13.25
N ASN A 206 3.77 -8.73 12.05
CA ASN A 206 5.17 -9.06 11.88
C ASN A 206 6.01 -7.87 12.35
N LEU A 207 5.62 -6.66 11.93
CA LEU A 207 6.35 -5.49 12.37
C LEU A 207 6.29 -5.26 13.87
N MET A 208 5.11 -5.43 14.45
CA MET A 208 4.95 -5.25 15.89
C MET A 208 5.87 -6.22 16.65
N LYS A 209 5.91 -7.48 16.18
CA LYS A 209 6.77 -8.47 16.84
C LYS A 209 8.25 -8.06 16.76
N THR A 210 8.67 -7.54 15.61
CA THR A 210 10.05 -7.10 15.44
C THR A 210 10.36 -6.02 16.48
N PHE A 211 9.39 -5.17 16.76
CA PHE A 211 9.57 -4.10 17.72
C PHE A 211 9.22 -4.48 19.14
N GLY A 212 9.22 -5.78 19.40
CA GLY A 212 9.00 -6.29 20.74
C GLY A 212 7.60 -6.51 21.31
N VAL A 213 6.58 -6.58 20.46
CA VAL A 213 5.22 -6.78 20.94
C VAL A 213 4.44 -7.85 20.21
N GLU A 214 3.78 -8.71 20.98
CA GLU A 214 2.95 -9.77 20.42
C GLU A 214 1.57 -9.68 21.03
N ILE A 215 0.58 -10.16 20.31
CA ILE A 215 -0.79 -10.15 20.79
C ILE A 215 -1.41 -11.50 20.52
N GLU A 216 -2.63 -11.71 21.01
CA GLU A 216 -3.32 -12.97 20.79
C GLU A 216 -4.32 -12.85 19.67
N ASN A 217 -4.01 -13.47 18.54
CA ASN A 217 -4.88 -13.46 17.38
C ASN A 217 -5.79 -14.70 17.41
N GLN A 218 -7.08 -14.47 17.59
CA GLN A 218 -8.03 -15.56 17.62
C GLN A 218 -8.72 -15.67 16.25
N HIS A 219 -8.09 -16.40 15.34
CA HIS A 219 -8.58 -16.62 13.97
C HIS A 219 -9.08 -15.39 13.24
N TYR A 220 -8.42 -14.26 13.50
CA TYR A 220 -8.75 -12.96 12.90
C TYR A 220 -10.15 -12.44 13.19
N GLN A 221 -10.81 -13.00 14.20
CA GLN A 221 -12.17 -12.56 14.55
C GLN A 221 -12.08 -11.66 15.76
N GLN A 222 -11.03 -11.89 16.55
CA GLN A 222 -10.83 -11.13 17.77
C GLN A 222 -9.36 -11.12 18.12
N PHE A 223 -8.87 -9.97 18.59
CA PHE A 223 -7.48 -9.84 18.96
C PHE A 223 -7.41 -9.36 20.40
N VAL A 224 -6.69 -10.11 21.23
CA VAL A 224 -6.56 -9.76 22.64
C VAL A 224 -5.21 -9.11 22.83
N VAL A 225 -5.23 -7.87 23.29
CA VAL A 225 -4.02 -7.11 23.51
C VAL A 225 -3.85 -6.73 24.97
N LYS A 226 -2.66 -6.94 25.50
CA LYS A 226 -2.35 -6.57 26.88
C LYS A 226 -1.83 -5.14 26.83
N GLY A 227 -2.35 -4.27 27.69
CA GLY A 227 -1.91 -2.89 27.71
C GLY A 227 -0.63 -2.71 28.51
N GLY A 228 -0.14 -1.48 28.59
CA GLY A 228 1.06 -1.15 29.33
C GLY A 228 2.37 -1.66 28.75
N GLN A 229 2.38 -1.96 27.46
CA GLN A 229 3.60 -2.45 26.83
C GLN A 229 4.42 -1.31 26.27
N SER A 230 5.58 -1.66 25.75
CA SER A 230 6.48 -0.67 25.16
C SER A 230 7.16 -1.25 23.93
N TYR A 231 7.30 -0.45 22.89
CA TYR A 231 8.00 -0.94 21.72
C TYR A 231 9.49 -0.75 21.99
N GLN A 232 10.30 -1.65 21.44
CA GLN A 232 11.74 -1.60 21.64
C GLN A 232 12.47 -1.64 20.31
N SER A 233 13.51 -0.81 20.17
CA SER A 233 14.29 -0.80 18.93
C SER A 233 14.85 -2.18 18.64
N PRO A 234 14.78 -2.63 17.38
CA PRO A 234 15.31 -3.95 17.02
C PRO A 234 16.77 -3.81 16.57
N GLY A 235 17.29 -2.59 16.69
CA GLY A 235 18.66 -2.31 16.28
C GLY A 235 18.63 -1.92 14.81
N THR A 236 19.21 -2.75 13.96
CA THR A 236 19.20 -2.49 12.53
C THR A 236 18.07 -3.31 11.94
N TYR A 237 17.33 -2.72 11.02
CA TYR A 237 16.21 -3.41 10.42
C TYR A 237 16.22 -3.18 8.92
N LEU A 238 16.17 -4.26 8.16
CA LEU A 238 16.15 -4.20 6.71
C LEU A 238 14.72 -4.24 6.20
N VAL A 239 14.31 -3.18 5.53
CA VAL A 239 12.98 -3.07 4.94
C VAL A 239 12.93 -3.90 3.66
N GLU A 240 11.94 -4.79 3.53
CA GLU A 240 11.79 -5.62 2.31
C GLU A 240 11.56 -4.72 1.11
N GLY A 241 11.95 -5.19 -0.08
CA GLY A 241 11.65 -4.45 -1.30
C GLY A 241 10.13 -4.46 -1.46
N ASP A 242 9.56 -3.54 -2.23
CA ASP A 242 8.12 -3.44 -2.39
C ASP A 242 7.51 -4.47 -3.35
N ALA A 243 6.73 -5.40 -2.82
CA ALA A 243 6.11 -6.42 -3.67
C ALA A 243 5.02 -5.88 -4.58
N SER A 244 4.39 -4.78 -4.19
CA SER A 244 3.37 -4.20 -5.04
C SER A 244 4.08 -3.55 -6.24
N SER A 245 5.15 -2.81 -5.97
CA SER A 245 5.94 -2.21 -7.04
C SER A 245 6.52 -3.27 -7.95
N ALA A 246 6.81 -4.44 -7.39
CA ALA A 246 7.36 -5.53 -8.17
C ALA A 246 6.39 -6.09 -9.22
N SER A 247 5.10 -5.97 -8.93
CA SER A 247 4.10 -6.55 -9.82
C SER A 247 4.20 -6.07 -11.26
N TYR A 248 4.51 -4.79 -11.44
CA TYR A 248 4.59 -4.23 -12.78
C TYR A 248 5.67 -4.88 -13.63
N PHE A 249 6.83 -5.12 -13.02
CA PHE A 249 7.97 -5.67 -13.71
C PHE A 249 7.80 -7.17 -13.96
N LEU A 250 7.22 -7.89 -13.01
CA LEU A 250 6.98 -9.32 -13.21
C LEU A 250 5.91 -9.47 -14.29
N ALA A 251 4.86 -8.63 -14.25
CA ALA A 251 3.84 -8.69 -15.28
C ALA A 251 4.46 -8.36 -16.64
N ALA A 252 5.36 -7.38 -16.68
CA ALA A 252 5.97 -7.03 -17.95
C ALA A 252 6.65 -8.23 -18.61
N ALA A 253 7.32 -9.05 -17.82
CA ALA A 253 7.98 -10.25 -18.34
C ALA A 253 6.96 -11.28 -18.79
N ALA A 254 5.86 -11.39 -18.06
CA ALA A 254 4.84 -12.35 -18.43
C ALA A 254 4.24 -11.98 -19.77
N ILE A 255 4.20 -10.68 -20.06
CA ILE A 255 3.65 -10.18 -21.31
C ILE A 255 4.63 -10.17 -22.47
N LYS A 256 5.86 -9.71 -22.19
CA LYS A 256 6.85 -9.45 -23.24
C LYS A 256 8.28 -9.89 -22.96
N GLY A 257 8.48 -10.82 -22.04
CA GLY A 257 9.84 -11.28 -21.78
C GLY A 257 10.28 -12.38 -22.74
N GLY A 258 11.50 -12.88 -22.58
CA GLY A 258 12.41 -12.40 -21.56
C GLY A 258 12.16 -12.86 -20.15
N THR A 259 13.13 -12.57 -19.31
CA THR A 259 13.09 -12.86 -17.88
C THR A 259 13.39 -11.59 -17.11
N VAL A 260 12.53 -11.27 -16.17
CA VAL A 260 12.77 -10.12 -15.32
C VAL A 260 12.86 -10.61 -13.90
N LYS A 261 13.97 -10.27 -13.26
CA LYS A 261 14.20 -10.66 -11.86
C LYS A 261 14.08 -9.42 -11.00
N VAL A 262 13.33 -9.51 -9.92
CA VAL A 262 13.24 -8.38 -9.00
C VAL A 262 13.94 -8.81 -7.72
N THR A 263 14.80 -7.97 -7.18
CA THR A 263 15.49 -8.34 -5.94
C THR A 263 14.99 -7.52 -4.76
N GLY A 264 15.13 -8.10 -3.57
CA GLY A 264 14.68 -7.40 -2.38
C GLY A 264 13.48 -8.08 -1.74
N ILE A 265 12.90 -9.03 -2.46
CA ILE A 265 11.77 -9.81 -1.94
C ILE A 265 12.01 -11.22 -2.42
N GLY A 266 11.48 -12.19 -1.68
CA GLY A 266 11.68 -13.58 -2.03
C GLY A 266 10.60 -14.43 -1.43
N ARG A 267 10.83 -15.75 -1.41
CA ARG A 267 9.81 -16.67 -0.91
C ARG A 267 9.42 -16.49 0.54
N ASN A 268 10.29 -15.86 1.33
CA ASN A 268 10.05 -15.65 2.76
C ASN A 268 9.41 -14.30 3.08
N SER A 269 9.16 -13.50 2.06
CA SER A 269 8.57 -12.18 2.28
C SER A 269 7.28 -12.19 3.07
N MET A 270 7.08 -11.15 3.86
CA MET A 270 5.87 -11.00 4.66
C MET A 270 4.74 -10.34 3.90
N GLN A 271 5.05 -9.77 2.72
CA GLN A 271 4.03 -9.09 1.95
C GLN A 271 3.12 -10.01 1.17
N GLY A 272 1.81 -9.78 1.29
CA GLY A 272 0.87 -10.61 0.55
C GLY A 272 0.98 -10.47 -0.95
N ASP A 273 1.48 -9.33 -1.43
CA ASP A 273 1.57 -9.20 -2.88
C ASP A 273 2.56 -10.10 -3.59
N ILE A 274 3.39 -10.85 -2.86
CA ILE A 274 4.26 -11.79 -3.58
C ILE A 274 3.36 -12.85 -4.21
N ARG A 275 2.13 -13.00 -3.71
CA ARG A 275 1.21 -13.98 -4.27
C ARG A 275 0.73 -13.57 -5.68
N PHE A 276 1.08 -12.36 -6.09
CA PHE A 276 0.76 -11.90 -7.43
C PHE A 276 1.48 -12.85 -8.39
N ALA A 277 2.67 -13.30 -8.00
CA ALA A 277 3.44 -14.19 -8.85
C ALA A 277 2.65 -15.47 -9.11
N ASP A 278 1.88 -15.92 -8.13
CA ASP A 278 1.08 -17.14 -8.32
C ASP A 278 0.03 -16.93 -9.41
N VAL A 279 -0.48 -15.70 -9.52
CA VAL A 279 -1.49 -15.41 -10.51
C VAL A 279 -0.85 -15.44 -11.89
N LEU A 280 0.34 -14.87 -12.04
CA LEU A 280 1.02 -14.90 -13.33
C LEU A 280 1.27 -16.35 -13.75
N GLU A 281 1.61 -17.18 -12.77
CA GLU A 281 1.87 -18.58 -13.06
C GLU A 281 0.56 -19.25 -13.53
N LYS A 282 -0.55 -18.92 -12.87
CA LYS A 282 -1.83 -19.50 -13.28
C LYS A 282 -2.18 -19.06 -14.71
N MET A 283 -1.70 -17.90 -15.10
CA MET A 283 -1.96 -17.38 -16.44
C MET A 283 -1.05 -17.99 -17.50
N GLY A 284 0.03 -18.64 -17.08
CA GLY A 284 0.89 -19.25 -18.08
C GLY A 284 2.33 -18.80 -18.05
N ALA A 285 2.68 -17.91 -17.12
CA ALA A 285 4.07 -17.48 -17.04
C ALA A 285 4.87 -18.44 -16.17
N THR A 286 6.19 -18.37 -16.27
CA THR A 286 7.04 -19.20 -15.42
C THR A 286 7.61 -18.31 -14.32
N ILE A 287 7.60 -18.80 -13.09
CA ILE A 287 8.09 -18.07 -11.93
C ILE A 287 9.22 -18.82 -11.24
N CYS A 288 10.26 -18.10 -10.84
CA CYS A 288 11.39 -18.67 -10.12
C CYS A 288 11.50 -17.92 -8.82
N TRP A 289 11.69 -18.65 -7.75
CA TRP A 289 11.80 -18.08 -6.42
C TRP A 289 13.18 -18.23 -5.81
N GLY A 290 13.62 -17.18 -5.15
CA GLY A 290 14.90 -17.23 -4.47
C GLY A 290 14.69 -16.71 -3.06
N ASP A 291 15.78 -16.65 -2.31
CA ASP A 291 15.68 -16.14 -0.96
C ASP A 291 15.50 -14.63 -1.04
N ASP A 292 16.16 -14.00 -2.01
CA ASP A 292 16.05 -12.56 -2.15
C ASP A 292 15.67 -12.09 -3.53
N TYR A 293 14.99 -12.95 -4.28
CA TYR A 293 14.51 -12.53 -5.60
C TYR A 293 13.31 -13.35 -6.03
N ILE A 294 12.56 -12.79 -6.95
CA ILE A 294 11.46 -13.49 -7.61
C ILE A 294 11.69 -13.13 -9.06
N SER A 295 11.60 -14.11 -9.96
CA SER A 295 11.76 -13.78 -11.37
C SER A 295 10.60 -14.34 -12.16
N CYS A 296 10.32 -13.73 -13.30
CA CYS A 296 9.23 -14.19 -14.16
C CYS A 296 9.75 -14.30 -15.57
N THR A 297 9.41 -15.40 -16.22
CA THR A 297 9.82 -15.61 -17.60
C THR A 297 8.58 -15.83 -18.43
N ARG A 298 8.57 -15.21 -19.60
CA ARG A 298 7.47 -15.33 -20.52
C ARG A 298 7.16 -16.77 -20.87
N GLY A 299 5.88 -17.12 -20.82
CA GLY A 299 5.43 -18.43 -21.22
C GLY A 299 4.30 -18.08 -22.16
N GLU A 300 3.08 -18.12 -21.64
CA GLU A 300 1.93 -17.69 -22.43
C GLU A 300 1.05 -16.94 -21.46
N LEU A 301 -0.05 -16.40 -21.96
CA LEU A 301 -0.93 -15.64 -21.09
C LEU A 301 -2.39 -15.92 -21.39
N ASN A 302 -3.03 -16.60 -20.45
CA ASN A 302 -4.43 -16.97 -20.54
C ASN A 302 -5.25 -16.26 -19.48
N ALA A 303 -6.47 -15.91 -19.85
CA ALA A 303 -7.39 -15.23 -18.95
C ALA A 303 -7.67 -16.07 -17.70
N ILE A 304 -7.97 -15.39 -16.61
CA ILE A 304 -8.32 -16.05 -15.36
C ILE A 304 -9.56 -15.39 -14.77
N ASP A 305 -10.20 -16.10 -13.84
CA ASP A 305 -11.40 -15.61 -13.15
C ASP A 305 -11.06 -15.94 -11.70
N MET A 306 -10.74 -14.90 -10.92
CA MET A 306 -10.32 -15.12 -9.54
C MET A 306 -10.76 -14.06 -8.56
N ASP A 307 -10.90 -14.47 -7.30
CA ASP A 307 -11.22 -13.57 -6.19
C ASP A 307 -9.85 -12.96 -5.87
N MET A 308 -9.75 -11.63 -5.92
CA MET A 308 -8.47 -10.98 -5.68
C MET A 308 -8.41 -10.18 -4.40
N ASN A 309 -9.28 -10.48 -3.44
CA ASN A 309 -9.32 -9.71 -2.20
C ASN A 309 -8.01 -9.72 -1.42
N HIS A 310 -7.24 -10.79 -1.57
CA HIS A 310 -5.98 -10.93 -0.87
C HIS A 310 -4.84 -10.11 -1.47
N ILE A 311 -5.02 -9.63 -2.71
CA ILE A 311 -3.99 -8.83 -3.36
C ILE A 311 -4.69 -7.70 -4.12
N PRO A 312 -5.43 -6.84 -3.41
CA PRO A 312 -6.16 -5.77 -4.07
C PRO A 312 -5.38 -4.81 -4.96
N ASP A 313 -4.18 -4.41 -4.53
CA ASP A 313 -3.38 -3.46 -5.32
C ASP A 313 -2.70 -4.13 -6.51
N ALA A 314 -2.02 -5.24 -6.25
CA ALA A 314 -1.36 -5.95 -7.33
C ALA A 314 -2.40 -6.45 -8.34
N ALA A 315 -3.64 -6.65 -7.89
CA ALA A 315 -4.67 -7.11 -8.80
C ALA A 315 -4.89 -6.13 -9.96
N MET A 316 -4.65 -4.85 -9.71
CA MET A 316 -4.82 -3.84 -10.76
C MET A 316 -3.86 -4.15 -11.91
N THR A 317 -2.68 -4.67 -11.58
CA THR A 317 -1.70 -4.98 -12.62
C THR A 317 -2.23 -6.11 -13.49
N ILE A 318 -3.00 -7.03 -12.89
CA ILE A 318 -3.58 -8.09 -13.70
C ILE A 318 -4.62 -7.49 -14.67
N ALA A 319 -5.34 -6.43 -14.25
CA ALA A 319 -6.32 -5.84 -15.14
C ALA A 319 -5.71 -5.32 -16.46
N THR A 320 -4.54 -4.69 -16.42
CA THR A 320 -3.95 -4.28 -17.70
C THR A 320 -3.22 -5.45 -18.35
N ALA A 321 -2.65 -6.36 -17.58
CA ALA A 321 -2.00 -7.53 -18.20
C ALA A 321 -3.05 -8.34 -18.98
N ALA A 322 -4.30 -8.28 -18.52
CA ALA A 322 -5.39 -8.99 -19.15
C ALA A 322 -5.55 -8.58 -20.62
N LEU A 323 -5.09 -7.38 -20.96
CA LEU A 323 -5.18 -6.89 -22.34
C LEU A 323 -4.41 -7.80 -23.28
N PHE A 324 -3.44 -8.52 -22.73
CA PHE A 324 -2.58 -9.39 -23.51
C PHE A 324 -2.88 -10.86 -23.37
N ALA A 325 -3.90 -11.19 -22.59
CA ALA A 325 -4.24 -12.57 -22.36
C ALA A 325 -5.27 -13.10 -23.34
N LYS A 326 -5.30 -14.42 -23.48
CA LYS A 326 -6.27 -15.04 -24.36
C LYS A 326 -7.53 -15.30 -23.53
N GLY A 327 -8.63 -14.71 -23.96
CA GLY A 327 -9.89 -14.88 -23.24
C GLY A 327 -10.26 -13.70 -22.37
N THR A 328 -11.39 -13.83 -21.70
CA THR A 328 -11.94 -12.81 -20.81
C THR A 328 -11.52 -13.02 -19.37
N THR A 329 -10.90 -11.99 -18.78
CA THR A 329 -10.46 -12.04 -17.41
C THR A 329 -11.47 -11.39 -16.48
N THR A 330 -11.72 -12.01 -15.34
CA THR A 330 -12.64 -11.47 -14.34
C THR A 330 -11.94 -11.44 -12.99
N LEU A 331 -11.92 -10.26 -12.37
CA LEU A 331 -11.30 -10.07 -11.06
C LEU A 331 -12.46 -9.74 -10.13
N ARG A 332 -12.60 -10.54 -9.08
CA ARG A 332 -13.73 -10.41 -8.15
C ARG A 332 -13.36 -10.06 -6.74
N ASN A 333 -14.37 -9.59 -6.01
CA ASN A 333 -14.26 -9.26 -4.59
C ASN A 333 -13.23 -8.16 -4.35
N ILE A 334 -13.37 -7.12 -5.16
CA ILE A 334 -12.46 -5.99 -5.07
C ILE A 334 -13.20 -4.68 -4.88
N TYR A 335 -14.27 -4.71 -4.12
CA TYR A 335 -15.03 -3.51 -3.86
C TYR A 335 -14.18 -2.30 -3.40
N ASN A 336 -13.24 -2.52 -2.48
CA ASN A 336 -12.54 -1.36 -1.97
C ASN A 336 -11.62 -0.64 -2.93
N TRP A 337 -11.55 -1.14 -4.16
CA TRP A 337 -10.85 -0.41 -5.19
C TRP A 337 -11.57 0.95 -5.28
N ARG A 338 -12.86 0.97 -4.94
CA ARG A 338 -13.64 2.21 -5.06
C ARG A 338 -13.34 3.30 -4.06
N VAL A 339 -12.68 2.94 -2.96
CA VAL A 339 -12.43 3.94 -1.91
C VAL A 339 -10.98 4.30 -1.64
N LYS A 340 -10.15 4.16 -2.67
CA LYS A 340 -8.73 4.47 -2.52
C LYS A 340 -8.33 5.78 -3.22
N GLU A 341 -7.14 5.85 -3.84
CA GLU A 341 -6.70 7.10 -4.49
C GLU A 341 -7.73 7.68 -5.43
N THR A 342 -8.52 6.80 -6.04
CA THR A 342 -9.62 7.20 -6.89
C THR A 342 -10.55 6.00 -6.85
N ASP A 343 -11.71 6.08 -7.48
CA ASP A 343 -12.56 4.89 -7.52
C ASP A 343 -11.86 4.11 -8.65
N ARG A 344 -11.09 3.11 -8.26
CA ARG A 344 -10.32 2.37 -9.25
C ARG A 344 -11.12 1.46 -10.16
N LEU A 345 -12.31 1.05 -9.75
CA LEU A 345 -13.09 0.22 -10.66
C LEU A 345 -13.58 1.12 -11.81
N PHE A 346 -14.08 2.30 -11.48
CA PHE A 346 -14.51 3.22 -12.53
C PHE A 346 -13.33 3.65 -13.40
N ALA A 347 -12.22 4.03 -12.76
CA ALA A 347 -11.05 4.49 -13.51
C ALA A 347 -10.47 3.40 -14.41
N MET A 348 -10.26 2.21 -13.86
CA MET A 348 -9.70 1.11 -14.64
C MET A 348 -10.59 0.76 -15.83
N ALA A 349 -11.90 0.66 -15.59
CA ALA A 349 -12.78 0.33 -16.70
C ALA A 349 -12.75 1.42 -17.78
N THR A 350 -12.79 2.68 -17.36
CA THR A 350 -12.78 3.78 -18.30
C THR A 350 -11.52 3.80 -19.15
N GLU A 351 -10.36 3.68 -18.51
CA GLU A 351 -9.12 3.74 -19.28
C GLU A 351 -8.87 2.47 -20.12
N LEU A 352 -9.30 1.31 -19.64
CA LEU A 352 -9.12 0.09 -20.41
C LEU A 352 -9.92 0.17 -21.71
N ARG A 353 -11.12 0.76 -21.64
CA ARG A 353 -11.94 0.87 -22.85
C ARG A 353 -11.29 1.80 -23.87
N LYS A 354 -10.55 2.79 -23.39
CA LYS A 354 -9.91 3.74 -24.31
C LYS A 354 -8.86 3.10 -25.19
N VAL A 355 -8.25 2.01 -24.74
CA VAL A 355 -7.25 1.33 -25.56
C VAL A 355 -7.86 0.15 -26.33
N GLY A 356 -9.19 0.02 -26.26
CA GLY A 356 -9.87 -1.00 -27.05
C GLY A 356 -10.60 -2.15 -26.39
N ALA A 357 -10.43 -2.32 -25.09
CA ALA A 357 -11.07 -3.45 -24.43
C ALA A 357 -12.57 -3.26 -24.23
N GLU A 358 -13.28 -4.39 -24.11
CA GLU A 358 -14.70 -4.37 -23.80
C GLU A 358 -14.64 -4.67 -22.31
N VAL A 359 -15.28 -3.82 -21.51
CA VAL A 359 -15.19 -3.99 -20.06
C VAL A 359 -16.50 -3.88 -19.34
N GLU A 360 -16.78 -4.85 -18.47
CA GLU A 360 -17.98 -4.76 -17.63
C GLU A 360 -17.48 -4.26 -16.27
N GLU A 361 -17.97 -3.09 -15.85
CA GLU A 361 -17.60 -2.57 -14.54
C GLU A 361 -18.68 -3.08 -13.58
N GLY A 362 -18.36 -4.13 -12.83
CA GLY A 362 -19.30 -4.66 -11.86
C GLY A 362 -19.22 -3.85 -10.59
N HIS A 363 -20.15 -4.05 -9.68
CA HIS A 363 -20.09 -3.30 -8.45
C HIS A 363 -18.81 -3.56 -7.65
N ASP A 364 -18.38 -4.82 -7.62
CA ASP A 364 -17.18 -5.20 -6.88
C ASP A 364 -16.32 -6.19 -7.64
N TYR A 365 -16.38 -6.10 -8.97
CA TYR A 365 -15.59 -6.95 -9.85
C TYR A 365 -15.43 -6.24 -11.19
N ILE A 366 -14.53 -6.76 -12.02
CA ILE A 366 -14.34 -6.18 -13.34
C ILE A 366 -14.10 -7.34 -14.30
N ARG A 367 -14.73 -7.26 -15.46
CA ARG A 367 -14.60 -8.30 -16.50
C ARG A 367 -14.02 -7.61 -17.71
N ILE A 368 -12.91 -8.17 -18.21
CA ILE A 368 -12.17 -7.56 -19.30
C ILE A 368 -11.99 -8.50 -20.49
N THR A 369 -12.47 -8.05 -21.64
CA THR A 369 -12.31 -8.80 -22.89
C THR A 369 -11.36 -7.97 -23.77
N PRO A 370 -10.15 -8.48 -23.98
CA PRO A 370 -9.17 -7.75 -24.80
C PRO A 370 -9.56 -7.57 -26.26
N PRO A 371 -9.06 -6.50 -26.87
CA PRO A 371 -9.38 -6.28 -28.29
C PRO A 371 -8.41 -7.13 -29.12
N GLU A 372 -8.66 -7.27 -30.42
CA GLU A 372 -7.73 -8.05 -31.23
C GLU A 372 -6.41 -7.27 -31.27
N LYS A 373 -6.50 -5.95 -31.29
CA LYS A 373 -5.29 -5.12 -31.27
C LYS A 373 -5.58 -3.87 -30.49
N LEU A 374 -4.58 -3.40 -29.76
CA LEU A 374 -4.75 -2.20 -28.95
C LEU A 374 -4.63 -0.97 -29.82
N ASN A 375 -5.22 0.12 -29.35
CA ASN A 375 -5.08 1.39 -30.05
C ASN A 375 -4.47 2.41 -29.10
N PHE A 376 -4.01 3.52 -29.65
CA PHE A 376 -3.42 4.57 -28.87
C PHE A 376 -4.45 5.28 -27.99
N ALA A 377 -4.03 5.65 -26.79
CA ALA A 377 -4.86 6.46 -25.92
C ALA A 377 -3.97 7.29 -25.01
N GLU A 378 -4.54 8.42 -24.61
CA GLU A 378 -3.92 9.29 -23.65
C GLU A 378 -4.65 8.86 -22.37
N ILE A 379 -3.90 8.25 -21.47
CA ILE A 379 -4.46 7.70 -20.24
C ILE A 379 -4.56 8.69 -19.10
N ALA A 380 -5.77 8.86 -18.57
CA ALA A 380 -5.97 9.70 -17.41
C ALA A 380 -5.55 8.85 -16.20
N THR A 381 -4.89 9.48 -15.25
CA THR A 381 -4.38 8.74 -14.10
C THR A 381 -5.00 9.01 -12.74
N TYR A 382 -5.95 9.94 -12.67
CA TYR A 382 -6.73 10.17 -11.45
C TYR A 382 -5.92 10.38 -10.18
N ASN A 383 -4.76 11.02 -10.29
CA ASN A 383 -3.88 11.26 -9.13
C ASN A 383 -3.57 9.94 -8.42
N ASP A 384 -3.54 8.86 -9.19
CA ASP A 384 -3.33 7.55 -8.62
C ASP A 384 -2.11 6.87 -9.21
N HIS A 385 -1.07 6.75 -8.38
CA HIS A 385 0.17 6.10 -8.79
C HIS A 385 -0.02 4.79 -9.51
N ARG A 386 -0.98 3.98 -9.05
CA ARG A 386 -1.15 2.68 -9.69
C ARG A 386 -1.81 2.73 -11.05
N MET A 387 -2.60 3.76 -11.34
CA MET A 387 -3.15 3.88 -12.69
C MET A 387 -2.00 4.14 -13.67
N ALA A 388 -1.09 5.03 -13.30
CA ALA A 388 0.04 5.31 -14.18
C ALA A 388 0.89 4.07 -14.40
N MET A 389 1.21 3.35 -13.32
CA MET A 389 2.06 2.19 -13.49
C MET A 389 1.37 1.04 -14.22
N CYS A 390 0.10 0.84 -13.94
CA CYS A 390 -0.62 -0.24 -14.64
C CYS A 390 -0.71 0.04 -16.14
N PHE A 391 -1.00 1.29 -16.51
CA PHE A 391 -1.15 1.55 -17.94
C PHE A 391 0.14 1.67 -18.71
N SER A 392 1.27 1.76 -17.98
CA SER A 392 2.55 1.77 -18.64
C SER A 392 2.70 0.46 -19.42
N LEU A 393 2.06 -0.63 -18.96
CA LEU A 393 2.17 -1.93 -19.63
C LEU A 393 1.55 -1.95 -21.03
N VAL A 394 0.71 -0.97 -21.35
CA VAL A 394 0.11 -0.93 -22.68
C VAL A 394 1.21 -0.82 -23.76
N ALA A 395 2.34 -0.22 -23.41
CA ALA A 395 3.42 -0.07 -24.38
C ALA A 395 4.15 -1.37 -24.70
N LEU A 396 3.78 -2.48 -24.04
CA LEU A 396 4.41 -3.78 -24.33
C LEU A 396 3.59 -4.37 -25.48
N SER A 397 3.44 -3.57 -26.53
CA SER A 397 2.61 -3.93 -27.67
C SER A 397 3.13 -3.17 -28.89
N ASP A 398 2.30 -3.11 -29.93
CA ASP A 398 2.67 -2.39 -31.14
C ASP A 398 2.31 -0.91 -31.07
N THR A 399 1.63 -0.48 -30.01
CA THR A 399 1.22 0.91 -29.93
C THR A 399 1.83 1.68 -28.79
N PRO A 400 2.11 2.95 -29.02
CA PRO A 400 2.67 3.76 -27.93
C PRO A 400 1.46 4.09 -27.03
N VAL A 401 1.73 4.65 -25.87
CA VAL A 401 0.66 5.08 -24.96
C VAL A 401 1.16 6.36 -24.31
N THR A 402 0.26 7.29 -24.04
CA THR A 402 0.65 8.52 -23.37
C THR A 402 0.01 8.45 -21.99
N ILE A 403 0.83 8.67 -20.95
CA ILE A 403 0.38 8.63 -19.57
C ILE A 403 0.32 10.05 -19.03
N LEU A 404 -0.86 10.51 -18.60
CA LEU A 404 -0.96 11.86 -18.05
C LEU A 404 -0.45 11.86 -16.61
N ASP A 405 0.14 12.98 -16.21
CA ASP A 405 0.66 13.18 -14.85
C ASP A 405 1.51 11.99 -14.38
N PRO A 406 2.54 11.64 -15.13
CA PRO A 406 3.40 10.52 -14.75
C PRO A 406 4.05 10.64 -13.38
N LYS A 407 4.22 11.86 -12.87
CA LYS A 407 4.85 12.02 -11.57
C LYS A 407 4.00 11.55 -10.41
N CYS A 408 2.74 11.18 -10.69
CA CYS A 408 1.91 10.70 -9.61
C CYS A 408 2.46 9.38 -9.12
N THR A 409 3.34 8.74 -9.89
CA THR A 409 3.90 7.48 -9.38
C THR A 409 4.76 7.71 -8.15
N ALA A 410 5.14 8.96 -7.90
CA ALA A 410 5.99 9.26 -6.74
C ALA A 410 5.38 8.96 -5.39
N LYS A 411 4.08 8.65 -5.36
CA LYS A 411 3.45 8.31 -4.10
C LYS A 411 4.20 7.13 -3.47
N THR A 412 4.56 6.16 -4.32
CA THR A 412 5.29 4.98 -3.88
C THR A 412 6.51 4.63 -4.72
N PHE A 413 6.71 5.27 -5.88
CA PHE A 413 7.80 4.81 -6.74
C PHE A 413 8.22 5.93 -7.69
N PRO A 414 8.96 6.92 -7.15
CA PRO A 414 9.42 8.06 -7.94
C PRO A 414 10.18 7.69 -9.23
N ASP A 415 11.00 6.64 -9.15
CA ASP A 415 11.82 6.23 -10.29
C ASP A 415 11.18 5.16 -11.17
N TYR A 416 9.87 5.01 -11.08
CA TYR A 416 9.21 3.98 -11.85
C TYR A 416 9.56 3.90 -13.33
N PHE A 417 9.40 5.01 -14.05
CA PHE A 417 9.64 4.94 -15.49
C PHE A 417 11.08 4.69 -15.89
N GLU A 418 12.02 5.17 -15.08
CA GLU A 418 13.43 4.90 -15.36
C GLU A 418 13.69 3.40 -15.17
N GLN A 419 13.07 2.82 -14.14
CA GLN A 419 13.24 1.39 -13.89
C GLN A 419 12.58 0.53 -14.98
N LEU A 420 11.40 0.95 -15.47
CA LEU A 420 10.77 0.21 -16.55
C LEU A 420 11.66 0.31 -17.79
N ALA A 421 12.24 1.48 -18.02
CA ALA A 421 13.10 1.66 -19.18
C ALA A 421 14.34 0.78 -19.04
N ARG A 422 14.81 0.59 -17.81
CA ARG A 422 15.99 -0.23 -17.59
C ARG A 422 15.86 -1.66 -18.13
N ILE A 423 14.66 -2.22 -18.03
CA ILE A 423 14.41 -3.57 -18.52
C ILE A 423 13.82 -3.60 -19.93
N SER A 424 13.54 -2.42 -20.50
CA SER A 424 12.97 -2.31 -21.85
C SER A 424 14.09 -2.48 -22.87
N GLN A 425 13.91 -3.42 -23.79
CA GLN A 425 14.93 -3.70 -24.81
C GLN A 425 14.34 -3.52 -26.17
N ALA A 426 15.17 -3.08 -27.12
CA ALA A 426 14.70 -2.87 -28.48
C ALA A 426 14.77 -4.15 -29.29
N ALA A 427 15.68 -5.03 -28.88
CA ALA A 427 15.89 -6.30 -29.54
C ALA A 427 15.55 -7.42 -28.57
C1 SC1 B . -2.11 -1.06 2.94
C2 SC1 B . -3.26 -1.90 2.80
C3 SC1 B . -4.13 -1.79 1.55
C4 SC1 B . -3.36 -1.10 0.30
C5 SC1 B . -2.83 0.28 0.77
C6 SC1 B . -1.71 -0.05 1.87
C7 SC1 B . -1.25 -1.18 4.15
O1 SC1 B . -5.47 -1.02 1.94
O2 SC1 B . -4.34 -1.04 -0.73
O3 SC1 B . -2.20 0.97 -0.31
O4 SC1 B . -1.80 -1.46 5.21
O5 SC1 B . -0.08 -1.00 3.99
P1 SC1 B . -6.95 -1.74 2.34
O6 SC1 B . -6.70 -2.52 3.64
O7 SC1 B . -7.28 -2.65 1.09
O8 SC1 B . -7.80 -0.47 2.55
C8 SC1 B . -2.77 2.27 -0.82
C9 SC1 B . -4.35 2.33 -1.11
C10 SC1 B . -1.92 2.72 -2.01
O9 SC1 B . -0.66 2.53 -2.03
O10 SC1 B . -2.62 3.15 -2.97
P2 SC1 B . -2.67 3.49 0.64
O11 SC1 B . -2.76 4.91 0.03
O12 SC1 B . -1.33 3.32 1.30
O13 SC1 B . -3.89 3.26 1.59
C FMT C . -1.17 -4.26 -30.13
O1 FMT C . -2.22 -4.94 -29.96
O2 FMT C . -0.04 -4.78 -30.17
C FMT D . -8.71 11.77 -14.20
O1 FMT D . -7.49 12.07 -14.12
O2 FMT D . -9.50 12.34 -15.01
C FMT E . 13.78 15.29 12.54
O1 FMT E . 13.46 16.16 11.70
O2 FMT E . 14.95 15.15 12.97
C FMT F . 2.12 12.54 -27.41
C FMT F . 1.48 12.95 -27.00
O1 FMT F . 3.38 12.55 -27.29
O1 FMT F . 0.63 12.04 -27.02
O2 FMT F . 1.46 13.57 -27.65
O2 FMT F . 2.70 12.75 -26.82
C FMT G . 21.31 7.94 8.15
O1 FMT G . 22.06 7.09 7.58
O2 FMT G . 21.75 9.03 8.60
C FMT H . -16.76 -7.45 -21.08
O1 FMT H . -15.76 -8.14 -20.77
O2 FMT H . -17.91 -7.68 -20.64
C FMT I . -1.17 -15.08 -25.06
O1 FMT I . -0.28 -15.94 -24.89
O2 FMT I . -1.25 -14.38 -26.08
C FMT J . 11.90 -10.44 1.46
O1 FMT J . 11.36 -11.50 1.09
O2 FMT J . 12.75 -10.41 2.37
C FMT K . 16.01 0.46 -2.90
O1 FMT K . 16.52 1.29 -2.11
O2 FMT K . 16.60 -0.59 -3.30
C FMT L . -19.85 -3.64 -0.86
O1 FMT L . -19.34 -3.33 0.23
O2 FMT L . -20.72 -2.95 -1.44
C FMT M . 4.08 22.23 17.76
O1 FMT M . 4.31 21.41 18.68
O2 FMT M . 4.98 22.82 17.15
C FMT N . -20.45 -11.65 -13.21
O1 FMT N . -19.24 -11.98 -13.22
O2 FMT N . -21.09 -11.44 -12.15
#